data_5K9H
#
_entry.id   5K9H
#
_cell.length_a   65.671
_cell.length_b   78.308
_cell.length_c   134.529
_cell.angle_alpha   90.000
_cell.angle_beta   90.000
_cell.angle_gamma   90.000
#
_symmetry.space_group_name_H-M   'P 21 21 21'
#
loop_
_entity.id
_entity.type
_entity.pdbx_description
1 polymer 0940_GH29
2 non-polymer GLYCEROL
3 non-polymer 'THIOCYANATE ION'
4 non-polymer 'SODIUM ION'
5 water water
#
_entity_poly.entity_id   1
_entity_poly.type   'polypeptide(L)'
_entity_poly.pdbx_seq_one_letter_code
;MSYYHHHHHHLESTSLYKKAGFENLYFQSAQVEPCGPVPTENQLRWQDMEMYAFIHYSLNTYTDEEWGYGNEDPQLFNPS
SLDCRQWARVCKQAGMRGIIFTAKHHCGFCMWPSAYTEYSVKNSPWKNGKGDVVRELADACREEGLKFAVYLSPWDRNHP
AYGQPAYVAYFRNQLRELLTNYGEIFEVWFDGANGGDGWYGGANETRKIDRTTYYQWPETYKMIRQLQPNCLIWNDGSDR
GDLRWVGTEAGNVGETNWSLLNHDGEVEWHMLHYGLENGDSWVPGETNTSIRPGWFYHDTENEHVKSLSKLMDTYYKSVG
RNSTLLLNFPIAPNGRIHPNDSLRGIAFKKMIGEVFRKNLAEKARTQTKGDETVIDFGKPTTFNRFLAEEDIRYGQRVKK
FLLEAEINGQWQQLKDALVENGDGLTTIGHRRIICFPTVNATKLRFTVVNTKCEPFIKKLGVYLAPELTADIPDAGEKKS
SNLHLFFSSPTQMMIDWETEQTITSFRYLPPQESKDGTVTHYTLWASTDWSNWTKLASGEFSNVVNNPIWQTIKFQPVRA
KILKLDADRLATGNRMAYGDVEVNLKLNIEN
;
_entity_poly.pdbx_strand_id   A
#
loop_
_chem_comp.id
_chem_comp.type
_chem_comp.name
_chem_comp.formula
GOL non-polymer GLYCEROL 'C3 H8 O3'
NA non-polymer 'SODIUM ION' 'Na 1'
SCN non-polymer 'THIOCYANATE ION' 'C N S -1'
#
# COMPACT_ATOMS: atom_id res chain seq x y z
N GLU A 33 10.96 -32.12 -3.63
CA GLU A 33 9.56 -32.54 -3.52
C GLU A 33 8.57 -31.55 -4.19
N PRO A 34 8.99 -30.81 -5.23
CA PRO A 34 8.26 -29.60 -5.61
C PRO A 34 6.99 -29.81 -6.47
N CYS A 35 6.30 -28.70 -6.76
CA CYS A 35 5.01 -28.72 -7.46
C CYS A 35 4.62 -27.36 -8.10
N GLY A 36 4.99 -27.18 -9.35
CA GLY A 36 4.84 -25.88 -9.99
C GLY A 36 6.05 -25.02 -9.67
N PRO A 37 6.03 -23.75 -10.10
CA PRO A 37 7.21 -22.91 -9.89
C PRO A 37 7.53 -22.74 -8.40
N VAL A 38 8.80 -22.51 -8.09
CA VAL A 38 9.24 -22.34 -6.71
C VAL A 38 10.03 -21.05 -6.60
N PRO A 39 9.95 -20.39 -5.44
CA PRO A 39 10.69 -19.14 -5.23
C PRO A 39 12.19 -19.40 -5.07
N THR A 40 13.01 -18.41 -5.41
CA THR A 40 14.43 -18.46 -5.14
C THR A 40 14.63 -18.17 -3.67
N GLU A 41 15.85 -18.42 -3.19
CA GLU A 41 16.19 -18.08 -1.82
C GLU A 41 15.97 -16.59 -1.55
N ASN A 42 16.30 -15.74 -2.53
CA ASN A 42 16.07 -14.30 -2.38
C ASN A 42 14.59 -14.00 -2.16
N GLN A 43 13.76 -14.72 -2.91
CA GLN A 43 12.32 -14.50 -2.90
C GLN A 43 11.71 -15.01 -1.60
N LEU A 44 12.32 -16.05 -1.03
CA LEU A 44 11.87 -16.53 0.27
C LEU A 44 12.19 -15.52 1.37
N ARG A 45 13.40 -14.97 1.34
CA ARG A 45 13.78 -14.03 2.40
C ARG A 45 12.97 -12.73 2.30
N TRP A 46 12.70 -12.29 1.07
CA TRP A 46 11.88 -11.10 0.84
C TRP A 46 10.51 -11.32 1.44
N GLN A 47 9.93 -12.47 1.13
CA GLN A 47 8.58 -12.79 1.59
C GLN A 47 8.54 -12.73 3.11
N ASP A 48 9.59 -13.24 3.76
CA ASP A 48 9.63 -13.27 5.23
C ASP A 48 9.84 -11.89 5.86
N MET A 49 10.14 -10.88 5.06
CA MET A 49 10.21 -9.51 5.61
C MET A 49 8.82 -9.06 6.07
N GLU A 50 7.78 -9.60 5.42
CA GLU A 50 6.39 -9.32 5.74
C GLU A 50 5.92 -7.88 5.49
N MET A 51 6.50 -6.91 6.21
CA MET A 51 6.21 -5.49 5.94
C MET A 51 7.50 -4.71 5.84
N TYR A 52 7.55 -3.74 4.93
CA TYR A 52 8.65 -2.78 4.88
C TYR A 52 8.10 -1.45 4.40
N ALA A 53 8.84 -0.39 4.64
CA ALA A 53 8.33 0.95 4.36
C ALA A 53 8.71 1.44 2.97
N PHE A 54 7.86 2.32 2.43
CA PHE A 54 8.18 3.13 1.27
C PHE A 54 8.45 4.51 1.89
N ILE A 55 9.31 5.30 1.29
CA ILE A 55 9.46 6.69 1.69
C ILE A 55 9.54 7.58 0.47
N HIS A 56 8.58 8.50 0.35
CA HIS A 56 8.55 9.44 -0.77
C HIS A 56 8.96 10.85 -0.32
N TYR A 57 9.94 11.41 -1.02
CA TYR A 57 10.49 12.72 -0.70
C TYR A 57 11.11 13.21 -1.98
N SER A 58 10.66 14.36 -2.48
CA SER A 58 11.31 14.94 -3.67
C SER A 58 11.04 16.45 -3.68
N LEU A 59 11.33 17.13 -4.78
CA LEU A 59 11.06 18.57 -4.83
C LEU A 59 9.58 18.88 -4.70
N ASN A 60 8.71 17.98 -5.18
CA ASN A 60 7.28 18.23 -5.08
C ASN A 60 6.75 18.11 -3.65
N THR A 61 7.59 17.64 -2.74
CA THR A 61 7.27 17.74 -1.31
C THR A 61 7.11 19.22 -0.98
N TYR A 62 7.87 20.05 -1.69
CA TYR A 62 7.85 21.50 -1.39
C TYR A 62 6.83 22.28 -2.21
N THR A 63 6.15 21.62 -3.14
CA THR A 63 5.17 22.30 -3.99
C THR A 63 3.78 21.76 -3.75
N ASP A 64 3.66 20.84 -2.80
CA ASP A 64 2.37 20.32 -2.38
C ASP A 64 1.68 19.53 -3.50
N GLU A 65 2.47 18.87 -4.34
CA GLU A 65 1.91 18.11 -5.46
C GLU A 65 2.34 16.65 -5.40
N GLU A 66 1.47 15.75 -5.87
CA GLU A 66 1.79 14.33 -5.99
C GLU A 66 2.85 14.04 -7.05
N TRP A 67 2.90 14.84 -8.12
CA TRP A 67 3.99 14.73 -9.09
C TRP A 67 4.65 16.08 -9.27
N GLY A 68 5.95 16.08 -9.58
CA GLY A 68 6.67 17.30 -9.93
C GLY A 68 6.74 17.32 -11.44
N TYR A 69 6.83 18.51 -12.03
CA TYR A 69 6.73 18.61 -13.49
C TYR A 69 8.10 18.47 -14.17
N GLY A 70 9.17 18.65 -13.40
CA GLY A 70 10.51 18.49 -13.92
C GLY A 70 11.33 19.77 -13.92
N ASN A 71 10.70 20.90 -13.62
CA ASN A 71 11.44 22.15 -13.56
C ASN A 71 11.38 22.78 -12.17
N GLU A 72 10.92 22.02 -11.17
CA GLU A 72 10.97 22.50 -9.79
C GLU A 72 12.40 22.94 -9.44
N ASP A 73 12.53 24.02 -8.67
CA ASP A 73 13.83 24.59 -8.38
C ASP A 73 14.52 23.82 -7.26
N PRO A 74 15.75 23.34 -7.49
CA PRO A 74 16.50 22.63 -6.45
C PRO A 74 16.67 23.48 -5.19
N GLN A 75 16.56 24.81 -5.29
CA GLN A 75 16.63 25.65 -4.10
C GLN A 75 15.52 25.36 -3.10
N LEU A 76 14.44 24.72 -3.57
CA LEU A 76 13.34 24.35 -2.69
C LEU A 76 13.83 23.36 -1.66
N PHE A 77 14.84 22.56 -2.02
CA PHE A 77 15.27 21.52 -1.11
C PHE A 77 16.07 22.09 0.04
N ASN A 78 15.37 22.49 1.09
CA ASN A 78 16.01 23.18 2.18
C ASN A 78 15.36 22.85 3.53
N PRO A 79 15.34 21.54 3.90
CA PRO A 79 14.66 21.22 5.16
C PRO A 79 15.39 21.81 6.36
N SER A 80 14.63 22.23 7.37
CA SER A 80 15.23 22.77 8.58
C SER A 80 15.77 21.67 9.49
N SER A 81 15.21 20.48 9.39
CA SER A 81 15.49 19.48 10.41
C SER A 81 15.66 18.07 9.88
N LEU A 82 16.31 17.91 8.72
CA LEU A 82 16.45 16.58 8.14
C LEU A 82 17.20 15.63 9.07
N ASP A 83 16.67 14.41 9.20
CA ASP A 83 17.31 13.38 10.01
C ASP A 83 16.85 12.01 9.54
N CYS A 84 17.69 11.34 8.76
CA CYS A 84 17.35 10.00 8.26
C CYS A 84 17.25 8.98 9.39
N ARG A 85 17.94 9.23 10.50
CA ARG A 85 17.81 8.36 11.66
C ARG A 85 16.39 8.42 12.21
N GLN A 86 15.75 9.57 12.17
CA GLN A 86 14.34 9.64 12.58
C GLN A 86 13.47 8.80 11.64
N TRP A 87 13.78 8.81 10.34
CA TRP A 87 12.94 8.08 9.39
C TRP A 87 13.04 6.60 9.69
N ALA A 88 14.28 6.13 9.93
CA ALA A 88 14.51 4.73 10.20
C ALA A 88 13.85 4.32 11.52
N ARG A 89 14.00 5.14 12.56
CA ARG A 89 13.39 4.84 13.85
C ARG A 89 11.87 4.74 13.72
N VAL A 90 11.27 5.73 13.05
CA VAL A 90 9.82 5.71 12.89
C VAL A 90 9.38 4.46 12.17
N CYS A 91 10.06 4.14 11.07
CA CYS A 91 9.68 2.95 10.31
C CYS A 91 9.84 1.68 11.14
N LYS A 92 10.97 1.55 11.83
CA LYS A 92 11.20 0.36 12.65
C LYS A 92 10.14 0.22 13.73
N GLN A 93 9.70 1.36 14.27
CA GLN A 93 8.71 1.36 15.34
C GLN A 93 7.30 1.00 14.84
N ALA A 94 7.12 1.05 13.52
CA ALA A 94 5.87 0.61 12.92
C ALA A 94 5.94 -0.85 12.50
N GLY A 95 7.08 -1.50 12.74
CA GLY A 95 7.24 -2.91 12.40
C GLY A 95 7.76 -3.15 11.00
N MET A 96 8.37 -2.14 10.39
CA MET A 96 8.86 -2.28 9.03
C MET A 96 10.23 -2.93 9.10
N ARG A 97 10.52 -3.82 8.14
CA ARG A 97 11.80 -4.53 8.09
C ARG A 97 12.82 -3.90 7.16
N GLY A 98 12.37 -2.92 6.39
CA GLY A 98 13.28 -2.20 5.53
C GLY A 98 12.64 -0.93 5.04
N ILE A 99 13.39 -0.19 4.22
CA ILE A 99 12.87 1.03 3.63
C ILE A 99 13.25 1.07 2.14
N ILE A 100 12.26 1.27 1.27
CA ILE A 100 12.54 1.58 -0.12
C ILE A 100 12.40 3.10 -0.27
N PHE A 101 13.46 3.75 -0.74
CA PHE A 101 13.49 5.20 -0.78
C PHE A 101 13.48 5.70 -2.23
N THR A 102 12.70 6.75 -2.48
CA THR A 102 12.73 7.39 -3.79
C THR A 102 14.05 8.14 -3.92
N ALA A 103 15.06 7.50 -4.49
CA ALA A 103 16.30 8.22 -4.81
C ALA A 103 16.04 9.27 -5.89
N LYS A 104 15.09 8.96 -6.78
CA LYS A 104 14.69 9.90 -7.81
C LYS A 104 13.27 9.58 -8.21
N HIS A 105 12.40 10.59 -8.17
CA HIS A 105 11.00 10.39 -8.53
C HIS A 105 10.75 10.90 -9.97
N HIS A 106 9.49 11.08 -10.36
CA HIS A 106 9.18 11.40 -11.75
C HIS A 106 9.74 12.75 -12.21
N CYS A 107 9.89 13.70 -11.30
CA CYS A 107 10.36 15.03 -11.68
C CYS A 107 11.86 15.02 -11.99
N GLY A 108 12.53 13.92 -11.64
CA GLY A 108 13.92 13.74 -12.02
C GLY A 108 14.98 14.27 -11.07
N PHE A 109 14.57 14.84 -9.95
CA PHE A 109 15.53 15.42 -9.01
C PHE A 109 16.20 14.32 -8.24
N CYS A 110 17.53 14.32 -8.21
CA CYS A 110 18.25 13.21 -7.58
C CYS A 110 18.62 13.51 -6.13
N MET A 111 18.35 12.55 -5.25
CA MET A 111 18.60 12.73 -3.82
C MET A 111 20.04 12.40 -3.41
N TRP A 112 20.87 12.07 -4.39
CA TRP A 112 22.26 11.79 -4.12
C TRP A 112 23.06 12.53 -5.16
N PRO A 113 24.31 12.90 -4.83
CA PRO A 113 25.14 13.67 -5.75
C PRO A 113 25.63 12.78 -6.89
N SER A 114 24.74 12.44 -7.80
CA SER A 114 25.12 11.69 -8.99
C SER A 114 26.21 12.39 -9.80
N ALA A 115 27.05 11.62 -10.48
CA ALA A 115 28.02 12.24 -11.37
C ALA A 115 27.35 12.66 -12.70
N TYR A 116 26.11 12.22 -12.93
CA TYR A 116 25.52 12.33 -14.26
C TYR A 116 24.46 13.42 -14.44
N THR A 117 24.18 14.19 -13.39
CA THR A 117 23.25 15.32 -13.55
C THR A 117 23.61 16.45 -12.61
N GLU A 118 23.14 17.65 -12.92
CA GLU A 118 23.18 18.73 -11.94
C GLU A 118 21.84 18.89 -11.26
N TYR A 119 20.85 18.10 -11.67
CA TYR A 119 19.52 18.26 -11.08
C TYR A 119 19.52 17.36 -9.87
N SER A 120 20.16 17.84 -8.81
CA SER A 120 20.31 17.03 -7.62
C SER A 120 20.68 17.87 -6.42
N VAL A 121 20.85 17.21 -5.28
CA VAL A 121 21.20 17.92 -4.06
C VAL A 121 22.59 18.56 -4.12
N LYS A 122 23.38 18.25 -5.15
CA LYS A 122 24.63 18.98 -5.38
C LYS A 122 24.33 20.47 -5.47
N ASN A 123 23.14 20.81 -5.96
CA ASN A 123 22.81 22.20 -6.22
C ASN A 123 21.63 22.69 -5.39
N SER A 124 21.47 22.10 -4.21
CA SER A 124 20.49 22.54 -3.22
C SER A 124 21.16 23.17 -2.01
N PRO A 125 20.47 24.12 -1.35
CA PRO A 125 21.06 24.80 -0.19
C PRO A 125 21.30 23.86 1.01
N TRP A 126 20.68 22.68 1.01
CA TRP A 126 20.86 21.72 2.10
C TRP A 126 22.33 21.28 2.24
N LYS A 127 22.91 21.53 3.42
CA LYS A 127 24.33 21.23 3.65
C LYS A 127 25.22 21.82 2.56
N ASN A 128 24.88 23.01 2.09
CA ASN A 128 25.69 23.73 1.11
C ASN A 128 26.01 22.91 -0.14
N GLY A 129 25.08 22.04 -0.53
CA GLY A 129 25.24 21.27 -1.74
C GLY A 129 26.17 20.10 -1.55
N LYS A 130 26.51 19.80 -0.30
CA LYS A 130 27.49 18.76 -0.04
C LYS A 130 26.88 17.49 0.55
N GLY A 131 25.55 17.44 0.68
CA GLY A 131 24.91 16.31 1.31
C GLY A 131 24.51 15.20 0.36
N ASP A 132 24.22 14.03 0.92
CA ASP A 132 23.79 12.85 0.15
C ASP A 132 22.70 12.16 0.99
N VAL A 133 21.44 12.31 0.57
CA VAL A 133 20.33 11.78 1.35
C VAL A 133 20.32 10.26 1.28
N VAL A 134 20.66 9.70 0.12
CA VAL A 134 20.73 8.24 -0.03
C VAL A 134 21.75 7.66 0.96
N ARG A 135 22.91 8.30 1.08
CA ARG A 135 23.93 7.88 2.04
C ARG A 135 23.42 7.92 3.49
N GLU A 136 22.86 9.06 3.90
CA GLU A 136 22.44 9.18 5.28
C GLU A 136 21.35 8.15 5.63
N LEU A 137 20.46 7.88 4.67
CA LEU A 137 19.38 6.92 4.93
C LEU A 137 19.93 5.49 4.94
N ALA A 138 20.87 5.21 4.04
CA ALA A 138 21.53 3.89 4.01
C ALA A 138 22.23 3.66 5.35
N ASP A 139 22.96 4.65 5.81
CA ASP A 139 23.66 4.53 7.09
C ASP A 139 22.66 4.32 8.22
N ALA A 140 21.57 5.08 8.21
CA ALA A 140 20.59 5.01 9.30
C ALA A 140 19.86 3.67 9.32
N CYS A 141 19.56 3.14 8.14
CA CYS A 141 18.94 1.82 8.09
C CYS A 141 19.89 0.80 8.71
N ARG A 142 21.18 0.95 8.41
CA ARG A 142 22.21 0.10 9.00
C ARG A 142 22.21 0.24 10.50
N GLU A 143 22.18 1.47 11.01
CA GLU A 143 22.20 1.67 12.45
C GLU A 143 20.99 1.01 13.12
N GLU A 144 19.83 1.08 12.48
CA GLU A 144 18.60 0.59 13.11
C GLU A 144 18.29 -0.87 12.74
N GLY A 145 19.16 -1.50 11.97
CA GLY A 145 18.95 -2.87 11.56
C GLY A 145 17.85 -3.06 10.52
N LEU A 146 17.65 -2.04 9.68
CA LEU A 146 16.67 -2.15 8.60
C LEU A 146 17.37 -2.45 7.29
N LYS A 147 16.74 -3.26 6.43
CA LYS A 147 17.25 -3.41 5.06
C LYS A 147 16.95 -2.12 4.25
N PHE A 148 17.73 -1.88 3.20
CA PHE A 148 17.63 -0.63 2.44
C PHE A 148 17.40 -0.93 0.97
N ALA A 149 16.52 -0.15 0.34
CA ALA A 149 16.17 -0.37 -1.06
C ALA A 149 15.98 0.95 -1.79
N VAL A 150 16.13 0.92 -3.11
CA VAL A 150 16.00 2.14 -3.92
C VAL A 150 14.91 2.08 -4.99
N TYR A 151 14.21 3.21 -5.11
CA TYR A 151 13.24 3.47 -6.16
C TYR A 151 13.91 4.45 -7.12
N LEU A 152 13.99 4.10 -8.40
CA LEU A 152 14.60 4.99 -9.40
C LEU A 152 13.61 5.11 -10.55
N SER A 153 12.97 6.26 -10.66
CA SER A 153 11.85 6.40 -11.59
C SER A 153 12.27 6.26 -13.04
N PRO A 154 11.72 5.26 -13.73
CA PRO A 154 12.12 5.16 -15.15
C PRO A 154 11.63 6.39 -15.91
N TRP A 155 10.39 6.82 -15.63
CA TRP A 155 9.89 8.04 -16.26
C TRP A 155 10.60 9.24 -15.60
N ASP A 156 11.22 10.08 -16.43
CA ASP A 156 11.99 11.22 -15.92
C ASP A 156 11.58 12.51 -16.64
N ARG A 157 10.93 13.41 -15.92
CA ARG A 157 10.40 14.62 -16.53
C ARG A 157 11.41 15.77 -16.61
N ASN A 158 12.61 15.56 -16.10
CA ASN A 158 13.61 16.64 -16.19
C ASN A 158 14.57 16.48 -17.37
N HIS A 159 14.93 15.23 -17.65
CA HIS A 159 16.02 14.94 -18.56
C HIS A 159 15.63 15.32 -19.99
N PRO A 160 16.51 16.06 -20.69
CA PRO A 160 16.24 16.56 -22.04
C PRO A 160 16.04 15.42 -23.03
N ALA A 161 16.73 14.30 -22.80
CA ALA A 161 16.65 13.22 -23.77
C ALA A 161 15.66 12.12 -23.39
N TYR A 162 14.75 12.38 -22.45
CA TYR A 162 13.82 11.31 -22.07
C TYR A 162 13.04 10.83 -23.29
N GLY A 163 13.02 9.51 -23.48
CA GLY A 163 12.35 8.93 -24.64
C GLY A 163 13.30 8.69 -25.80
N GLN A 164 14.55 9.13 -25.64
CA GLN A 164 15.59 8.89 -26.62
C GLN A 164 16.61 7.95 -25.99
N PRO A 165 17.48 7.33 -26.81
CA PRO A 165 18.41 6.33 -26.26
C PRO A 165 19.37 6.88 -25.23
N ALA A 166 19.68 8.17 -25.31
CA ALA A 166 20.65 8.75 -24.40
C ALA A 166 20.13 8.73 -22.96
N TYR A 167 18.81 8.80 -22.79
CA TYR A 167 18.30 8.72 -21.44
C TYR A 167 18.49 7.29 -20.89
N VAL A 168 18.38 6.29 -21.74
CA VAL A 168 18.54 4.92 -21.23
C VAL A 168 19.94 4.74 -20.65
N ALA A 169 20.96 5.28 -21.32
CA ALA A 169 22.31 5.17 -20.79
C ALA A 169 22.48 5.98 -19.50
N TYR A 170 21.84 7.16 -19.43
CA TYR A 170 21.80 7.95 -18.20
C TYR A 170 21.17 7.17 -17.05
N PHE A 171 20.03 6.56 -17.31
CA PHE A 171 19.33 5.77 -16.31
C PHE A 171 20.24 4.68 -15.72
N ARG A 172 20.93 3.94 -16.58
CA ARG A 172 21.81 2.84 -16.14
C ARG A 172 23.04 3.31 -15.37
N ASN A 173 23.60 4.44 -15.79
CA ASN A 173 24.76 5.00 -15.11
C ASN A 173 24.39 5.38 -13.70
N GLN A 174 23.19 5.93 -13.54
CA GLN A 174 22.69 6.32 -12.24
C GLN A 174 22.36 5.09 -11.42
N LEU A 175 21.77 4.09 -12.07
CA LEU A 175 21.43 2.87 -11.36
C LEU A 175 22.72 2.19 -10.91
N ARG A 176 23.76 2.28 -11.74
CA ARG A 176 25.05 1.69 -11.36
C ARG A 176 25.55 2.35 -10.09
N GLU A 177 25.40 3.67 -9.99
CA GLU A 177 25.80 4.39 -8.77
C GLU A 177 25.07 3.89 -7.51
N LEU A 178 23.76 3.69 -7.64
CA LEU A 178 22.98 3.31 -6.47
C LEU A 178 23.24 1.87 -6.06
N LEU A 179 23.63 1.01 -6.99
CA LEU A 179 23.84 -0.39 -6.64
C LEU A 179 25.31 -0.71 -6.37
N THR A 180 26.16 0.32 -6.43
CA THR A 180 27.59 0.15 -6.17
C THR A 180 28.02 0.86 -4.89
N ASN A 181 27.47 2.04 -4.63
CA ASN A 181 28.05 2.85 -3.57
C ASN A 181 27.33 2.87 -2.23
N TYR A 182 26.25 2.08 -2.08
CA TYR A 182 25.46 2.19 -0.85
C TYR A 182 25.21 0.88 -0.10
N GLY A 183 26.09 -0.10 -0.27
CA GLY A 183 25.95 -1.37 0.43
C GLY A 183 24.86 -2.23 -0.19
N GLU A 184 24.38 -3.21 0.58
CA GLU A 184 23.38 -4.15 0.09
C GLU A 184 22.03 -3.49 -0.13
N ILE A 185 21.43 -3.78 -1.28
CA ILE A 185 20.14 -3.23 -1.69
C ILE A 185 19.17 -4.39 -1.79
N PHE A 186 18.07 -4.39 -1.03
CA PHE A 186 17.24 -5.60 -1.00
C PHE A 186 16.22 -5.65 -2.13
N GLU A 187 15.87 -4.48 -2.65
CA GLU A 187 14.87 -4.39 -3.69
C GLU A 187 15.18 -3.16 -4.54
N VAL A 188 14.91 -3.24 -5.85
CA VAL A 188 14.97 -2.06 -6.69
C VAL A 188 13.60 -1.89 -7.35
N TRP A 189 13.08 -0.66 -7.34
CA TRP A 189 11.71 -0.38 -7.74
C TRP A 189 11.66 0.44 -9.03
N PHE A 190 11.07 -0.13 -10.07
CA PHE A 190 10.92 0.58 -11.33
C PHE A 190 9.45 0.85 -11.59
N ASP A 191 8.96 2.01 -11.12
CA ASP A 191 7.58 2.42 -11.30
C ASP A 191 7.20 2.33 -12.78
N GLY A 192 6.01 1.80 -13.07
CA GLY A 192 5.49 1.73 -14.43
C GLY A 192 4.74 3.00 -14.80
N ALA A 193 4.46 3.84 -13.80
CA ALA A 193 3.68 5.05 -14.00
C ALA A 193 4.36 6.00 -14.99
N ASN A 194 3.56 6.55 -15.91
CA ASN A 194 4.08 7.43 -16.93
C ASN A 194 2.95 8.32 -17.44
N GLY A 195 3.13 9.63 -17.34
CA GLY A 195 2.08 10.57 -17.71
C GLY A 195 2.35 11.30 -19.01
N GLY A 196 3.42 10.94 -19.70
CA GLY A 196 3.65 11.49 -21.03
C GLY A 196 4.36 12.83 -21.09
N ASP A 197 3.81 13.87 -20.45
CA ASP A 197 4.39 15.21 -20.54
C ASP A 197 5.33 15.59 -19.40
N GLY A 198 6.23 16.53 -19.68
CA GLY A 198 7.24 16.89 -18.71
C GLY A 198 8.00 18.11 -19.20
N TRP A 199 8.82 18.68 -18.32
CA TRP A 199 9.65 19.79 -18.70
C TRP A 199 10.70 19.35 -19.73
N TYR A 200 11.29 18.18 -19.52
CA TYR A 200 12.19 17.60 -20.51
C TYR A 200 13.25 18.61 -20.99
N GLY A 201 13.96 19.22 -20.04
CA GLY A 201 15.09 20.11 -20.36
C GLY A 201 14.69 21.45 -20.93
N GLY A 202 13.39 21.74 -20.92
CA GLY A 202 12.90 23.02 -21.40
C GLY A 202 12.04 22.88 -22.65
N ALA A 203 11.88 21.64 -23.11
CA ALA A 203 11.07 21.36 -24.31
C ALA A 203 9.58 21.46 -24.05
N ASN A 204 9.17 21.19 -22.81
CA ASN A 204 7.76 21.21 -22.45
C ASN A 204 6.89 20.39 -23.40
N GLU A 205 7.36 19.17 -23.69
CA GLU A 205 6.69 18.31 -24.64
C GLU A 205 5.88 17.23 -23.97
N THR A 206 5.05 16.57 -24.75
CA THR A 206 4.50 15.31 -24.26
C THR A 206 5.17 14.25 -25.10
N ARG A 207 5.76 13.25 -24.44
CA ARG A 207 6.52 12.25 -25.18
C ARG A 207 5.95 10.87 -24.89
N LYS A 208 5.92 10.05 -25.93
CA LYS A 208 5.29 8.74 -25.89
C LYS A 208 6.41 7.75 -26.11
N ILE A 209 6.49 6.70 -25.29
CA ILE A 209 7.45 5.63 -25.53
C ILE A 209 6.72 4.30 -25.72
N ASP A 210 7.43 3.32 -26.24
CA ASP A 210 6.95 1.95 -26.24
C ASP A 210 7.48 1.29 -24.96
N ARG A 211 6.63 1.13 -23.96
CA ARG A 211 7.11 0.64 -22.67
C ARG A 211 7.62 -0.80 -22.72
N THR A 212 7.18 -1.57 -23.71
CA THR A 212 7.65 -2.96 -23.85
C THR A 212 9.09 -3.05 -24.34
N THR A 213 9.61 -1.98 -24.95
CA THR A 213 10.93 -2.06 -25.56
C THR A 213 11.91 -0.93 -25.22
N TYR A 214 11.39 0.26 -24.87
CA TYR A 214 12.22 1.47 -24.72
C TYR A 214 13.35 1.38 -23.71
N TYR A 215 13.04 0.92 -22.51
CA TYR A 215 14.05 0.89 -21.47
C TYR A 215 15.12 -0.20 -21.64
N GLN A 216 14.92 -1.14 -22.56
CA GLN A 216 15.90 -2.22 -22.75
C GLN A 216 16.26 -2.90 -21.42
N TRP A 217 15.25 -3.32 -20.68
CA TRP A 217 15.44 -3.92 -19.36
C TRP A 217 16.40 -5.12 -19.25
N PRO A 218 16.41 -6.03 -20.27
CA PRO A 218 17.27 -7.21 -20.11
C PRO A 218 18.73 -6.86 -19.85
N GLU A 219 19.32 -5.94 -20.61
CA GLU A 219 20.69 -5.53 -20.30
C GLU A 219 20.79 -4.91 -18.91
N THR A 220 19.77 -4.15 -18.55
CA THR A 220 19.74 -3.53 -17.23
C THR A 220 19.61 -4.58 -16.15
N TYR A 221 18.79 -5.60 -16.41
CA TYR A 221 18.61 -6.63 -15.40
C TYR A 221 19.94 -7.37 -15.13
N LYS A 222 20.72 -7.61 -16.18
CA LYS A 222 22.01 -8.30 -16.01
C LYS A 222 22.92 -7.51 -15.10
N MET A 223 22.93 -6.19 -15.29
CA MET A 223 23.76 -5.35 -14.43
C MET A 223 23.34 -5.44 -12.97
N ILE A 224 22.02 -5.44 -12.72
CA ILE A 224 21.53 -5.53 -11.35
C ILE A 224 22.01 -6.82 -10.69
N ARG A 225 21.94 -7.93 -11.44
CA ARG A 225 22.28 -9.25 -10.91
C ARG A 225 23.74 -9.30 -10.56
N GLN A 226 24.53 -8.61 -11.37
CA GLN A 226 25.97 -8.59 -11.22
C GLN A 226 26.34 -7.75 -10.00
N LEU A 227 25.77 -6.56 -9.90
CA LEU A 227 26.12 -5.66 -8.82
C LEU A 227 25.46 -6.04 -7.49
N GLN A 228 24.28 -6.63 -7.56
CA GLN A 228 23.49 -6.91 -6.35
C GLN A 228 22.76 -8.24 -6.50
N PRO A 229 23.50 -9.36 -6.37
CA PRO A 229 22.90 -10.69 -6.61
C PRO A 229 21.82 -11.09 -5.61
N ASN A 230 21.64 -10.33 -4.54
CA ASN A 230 20.56 -10.66 -3.60
C ASN A 230 19.34 -9.75 -3.75
N CYS A 231 19.40 -8.83 -4.70
CA CYS A 231 18.37 -7.80 -4.83
C CYS A 231 17.19 -8.30 -5.64
N LEU A 232 15.98 -7.99 -5.21
CA LEU A 232 14.80 -8.35 -6.00
C LEU A 232 14.34 -7.18 -6.85
N ILE A 233 14.00 -7.47 -8.10
CA ILE A 233 13.58 -6.45 -9.07
C ILE A 233 12.06 -6.37 -9.14
N TRP A 234 11.52 -5.19 -8.83
CA TRP A 234 10.10 -4.94 -9.03
C TRP A 234 9.97 -4.16 -10.32
N ASN A 235 9.10 -4.60 -11.22
CA ASN A 235 8.79 -3.80 -12.40
C ASN A 235 7.33 -4.02 -12.75
N ASP A 236 6.76 -3.09 -13.52
CA ASP A 236 5.38 -3.25 -13.99
C ASP A 236 5.24 -2.67 -15.39
N GLY A 237 4.49 -3.37 -16.24
CA GLY A 237 4.25 -2.88 -17.59
C GLY A 237 5.21 -3.36 -18.66
N SER A 238 6.30 -4.03 -18.28
CA SER A 238 7.17 -4.60 -19.30
C SER A 238 7.82 -5.91 -18.89
N ASP A 239 9.15 -5.99 -19.01
CA ASP A 239 9.87 -7.24 -18.76
C ASP A 239 9.63 -7.67 -17.34
N ARG A 240 9.33 -8.95 -17.15
CA ARG A 240 9.01 -9.46 -15.82
C ARG A 240 10.20 -9.29 -14.88
N GLY A 241 9.93 -8.73 -13.70
CA GLY A 241 10.92 -8.66 -12.64
C GLY A 241 10.65 -9.76 -11.64
N ASP A 242 11.37 -9.80 -10.52
CA ASP A 242 11.20 -10.90 -9.57
C ASP A 242 9.95 -10.74 -8.73
N LEU A 243 9.35 -9.55 -8.79
CA LEU A 243 8.17 -9.21 -7.99
C LEU A 243 7.15 -8.50 -8.90
N ARG A 244 5.88 -8.49 -8.47
CA ARG A 244 4.86 -7.82 -9.28
C ARG A 244 3.99 -6.90 -8.45
N TRP A 245 3.39 -5.92 -9.13
CA TRP A 245 2.40 -5.06 -8.52
C TRP A 245 1.11 -5.89 -8.28
N VAL A 246 0.23 -5.43 -7.40
CA VAL A 246 -1.02 -6.13 -7.18
C VAL A 246 -2.15 -5.45 -7.96
N GLY A 247 -1.78 -4.48 -8.79
CA GLY A 247 -2.75 -3.82 -9.67
C GLY A 247 -3.62 -2.76 -9.02
N THR A 248 -3.30 -2.38 -7.78
CA THR A 248 -4.02 -1.26 -7.17
C THR A 248 -3.16 -0.54 -6.13
N GLU A 249 -3.52 0.70 -5.79
CA GLU A 249 -2.77 1.48 -4.81
C GLU A 249 -3.46 1.53 -3.46
N ALA A 250 -4.65 0.93 -3.38
CA ALA A 250 -5.53 1.06 -2.23
C ALA A 250 -5.10 0.21 -1.04
N GLY A 251 -4.16 -0.70 -1.27
CA GLY A 251 -3.70 -1.56 -0.19
C GLY A 251 -4.43 -2.88 -0.05
N ASN A 252 -4.63 -3.59 -1.17
CA ASN A 252 -5.15 -4.95 -1.09
C ASN A 252 -4.68 -5.76 -2.29
N VAL A 253 -4.54 -7.07 -2.09
CA VAL A 253 -4.32 -8.02 -3.18
C VAL A 253 -5.53 -8.97 -3.15
N GLY A 254 -5.70 -9.81 -4.18
CA GLY A 254 -6.90 -10.64 -4.26
C GLY A 254 -7.02 -11.64 -3.12
N GLU A 255 -8.26 -12.04 -2.77
CA GLU A 255 -8.46 -13.07 -1.77
C GLU A 255 -7.99 -14.42 -2.33
N THR A 256 -8.03 -14.52 -3.65
CA THR A 256 -7.28 -15.56 -4.36
C THR A 256 -5.98 -14.93 -4.85
N ASN A 257 -4.84 -15.49 -4.46
CA ASN A 257 -3.57 -14.90 -4.82
C ASN A 257 -2.51 -15.95 -5.12
N TRP A 258 -2.38 -16.30 -6.40
CA TRP A 258 -1.28 -17.14 -6.83
C TRP A 258 -0.01 -16.32 -7.01
N SER A 259 1.09 -16.74 -6.38
CA SER A 259 2.34 -16.04 -6.56
C SER A 259 2.99 -16.37 -7.89
N LEU A 260 2.18 -16.49 -8.93
CA LEU A 260 2.70 -16.90 -10.23
C LEU A 260 2.27 -15.98 -11.35
N LEU A 261 3.17 -15.76 -12.28
CA LEU A 261 2.84 -15.12 -13.55
C LEU A 261 3.54 -15.93 -14.63
N ASN A 262 3.18 -15.71 -15.89
CA ASN A 262 4.01 -16.23 -16.97
C ASN A 262 5.15 -15.28 -17.29
N HIS A 263 6.30 -15.85 -17.65
CA HIS A 263 7.44 -15.03 -17.99
C HIS A 263 7.21 -14.08 -19.18
N ASP A 264 6.53 -14.58 -20.22
CA ASP A 264 6.39 -13.80 -21.44
C ASP A 264 5.00 -13.21 -21.56
N GLY A 265 4.84 -12.35 -22.55
CA GLY A 265 3.54 -11.83 -22.90
C GLY A 265 3.02 -10.82 -21.92
N GLU A 266 1.89 -10.23 -22.29
CA GLU A 266 1.27 -9.15 -21.52
C GLU A 266 0.65 -9.64 -20.23
N VAL A 267 0.68 -8.78 -19.21
CA VAL A 267 0.06 -9.10 -17.92
C VAL A 267 -1.24 -8.32 -17.76
N GLU A 268 -2.36 -9.03 -17.67
CA GLU A 268 -3.65 -8.37 -17.52
C GLU A 268 -3.79 -7.93 -16.05
N TRP A 269 -4.68 -6.97 -15.80
CA TRP A 269 -4.93 -6.55 -14.42
C TRP A 269 -5.31 -7.69 -13.49
N HIS A 270 -6.11 -8.63 -14.00
CA HIS A 270 -6.56 -9.75 -13.19
C HIS A 270 -5.38 -10.61 -12.74
N MET A 271 -4.35 -10.70 -13.57
CA MET A 271 -3.18 -11.50 -13.21
C MET A 271 -2.39 -10.84 -12.10
N LEU A 272 -2.36 -9.51 -12.07
CA LEU A 272 -1.67 -8.78 -11.02
C LEU A 272 -2.40 -8.99 -9.69
N HIS A 273 -3.71 -8.80 -9.72
CA HIS A 273 -4.47 -8.85 -8.48
C HIS A 273 -4.64 -10.28 -7.93
N TYR A 274 -4.76 -11.27 -8.82
CA TYR A 274 -5.03 -12.64 -8.36
C TYR A 274 -3.95 -13.64 -8.72
N GLY A 275 -2.97 -13.22 -9.51
CA GLY A 275 -1.95 -14.13 -9.95
C GLY A 275 -2.54 -15.07 -10.98
N LEU A 276 -1.71 -16.02 -11.41
CA LEU A 276 -2.11 -16.91 -12.49
C LEU A 276 -1.90 -18.33 -12.00
N GLU A 277 -3.00 -19.10 -11.92
CA GLU A 277 -3.02 -20.45 -11.33
C GLU A 277 -2.00 -21.42 -11.96
N ASN A 278 -1.83 -21.35 -13.27
CA ASN A 278 -0.87 -22.21 -13.96
C ASN A 278 0.30 -21.40 -14.54
N GLY A 279 0.62 -20.26 -13.93
CA GLY A 279 1.73 -19.44 -14.39
C GLY A 279 3.02 -20.25 -14.37
N ASP A 280 3.95 -19.91 -15.24
CA ASP A 280 5.18 -20.67 -15.33
C ASP A 280 6.31 -20.07 -14.51
N SER A 281 6.01 -18.94 -13.87
CA SER A 281 7.01 -18.24 -13.06
C SER A 281 6.53 -17.82 -11.68
N TRP A 282 7.36 -18.03 -10.66
CA TRP A 282 7.11 -17.47 -9.34
C TRP A 282 7.34 -15.96 -9.36
N VAL A 283 6.27 -15.19 -9.36
CA VAL A 283 6.39 -13.74 -9.27
C VAL A 283 5.38 -13.29 -8.25
N PRO A 284 5.81 -13.22 -6.98
CA PRO A 284 4.88 -12.87 -5.90
C PRO A 284 4.46 -11.41 -5.93
N GLY A 285 3.25 -11.14 -5.45
CA GLY A 285 2.71 -9.79 -5.48
C GLY A 285 3.06 -9.00 -4.24
N GLU A 286 3.30 -7.71 -4.44
CA GLU A 286 3.65 -6.80 -3.36
C GLU A 286 2.53 -5.79 -3.24
N THR A 287 1.97 -5.66 -2.05
CA THR A 287 0.86 -4.75 -1.82
C THR A 287 1.35 -3.40 -1.31
N ASN A 288 1.37 -2.40 -2.21
CA ASN A 288 1.85 -1.08 -1.88
C ASN A 288 0.71 -0.09 -1.60
N THR A 289 0.88 0.74 -0.58
CA THR A 289 -0.10 1.80 -0.33
C THR A 289 0.53 2.83 0.57
N SER A 290 -0.13 3.97 0.74
CA SER A 290 0.44 5.03 1.57
C SER A 290 -0.27 5.11 2.91
N ILE A 291 0.40 5.64 3.94
CA ILE A 291 -0.29 5.77 5.22
C ILE A 291 -1.24 6.99 5.21
N ARG A 292 -1.11 7.81 4.16
CA ARG A 292 -2.00 8.94 3.91
C ARG A 292 -2.69 8.75 2.55
N PRO A 293 -3.67 9.61 2.22
CA PRO A 293 -4.25 9.49 0.88
C PRO A 293 -3.21 9.66 -0.24
N GLY A 294 -2.27 10.59 -0.10
CA GLY A 294 -1.26 10.78 -1.13
C GLY A 294 0.05 10.11 -0.79
N TRP A 295 0.95 9.98 -1.78
CA TRP A 295 2.27 9.41 -1.54
C TRP A 295 3.23 10.42 -0.94
N PHE A 296 3.05 11.70 -1.32
CA PHE A 296 3.93 12.75 -0.80
C PHE A 296 3.27 13.48 0.35
N TYR A 297 4.05 14.25 1.10
CA TYR A 297 3.50 15.03 2.21
C TYR A 297 2.59 16.17 1.75
N HIS A 298 1.42 16.23 2.37
CA HIS A 298 0.49 17.34 2.18
C HIS A 298 -0.08 17.71 3.52
N ASP A 299 0.03 18.99 3.85
CA ASP A 299 -0.45 19.49 5.12
C ASP A 299 -1.92 19.17 5.35
N THR A 300 -2.72 19.22 4.30
CA THR A 300 -4.15 18.95 4.46
C THR A 300 -4.43 17.48 4.69
N GLU A 301 -3.40 16.64 4.59
CA GLU A 301 -3.61 15.21 4.83
C GLU A 301 -3.12 14.76 6.21
N ASN A 302 -2.52 15.69 6.97
CA ASN A 302 -2.07 15.39 8.33
C ASN A 302 -3.23 14.90 9.19
N GLU A 303 -4.43 15.35 8.85
CA GLU A 303 -5.62 14.92 9.57
C GLU A 303 -6.15 13.59 9.04
N HIS A 304 -5.48 13.02 8.04
CA HIS A 304 -6.02 11.81 7.43
C HIS A 304 -5.00 10.69 7.27
N VAL A 305 -4.15 10.53 8.27
CA VAL A 305 -3.29 9.36 8.36
C VAL A 305 -4.23 8.18 8.61
N LYS A 306 -4.19 7.15 7.77
CA LYS A 306 -5.15 6.03 7.88
C LYS A 306 -5.32 5.50 9.31
N SER A 307 -6.55 5.20 9.70
CA SER A 307 -6.83 4.82 11.08
C SER A 307 -6.32 3.41 11.37
N LEU A 308 -6.29 3.05 12.64
CA LEU A 308 -5.84 1.72 13.05
C LEU A 308 -6.68 0.63 12.39
N SER A 309 -8.00 0.79 12.39
CA SER A 309 -8.86 -0.22 11.78
C SER A 309 -8.62 -0.32 10.26
N LYS A 310 -8.39 0.82 9.60
CA LYS A 310 -8.05 0.81 8.16
C LYS A 310 -6.72 0.12 7.85
N LEU A 311 -5.70 0.37 8.67
CA LEU A 311 -4.41 -0.30 8.48
C LEU A 311 -4.49 -1.79 8.80
N MET A 312 -5.26 -2.16 9.82
CA MET A 312 -5.46 -3.58 10.12
C MET A 312 -6.15 -4.26 8.94
N ASP A 313 -7.16 -3.59 8.38
CA ASP A 313 -7.83 -4.09 7.18
C ASP A 313 -6.82 -4.35 6.07
N THR A 314 -5.96 -3.37 5.82
CA THR A 314 -4.89 -3.51 4.83
C THR A 314 -3.94 -4.65 5.17
N TYR A 315 -3.60 -4.79 6.45
CA TYR A 315 -2.77 -5.88 6.90
C TYR A 315 -3.40 -7.22 6.53
N TYR A 316 -4.65 -7.42 6.91
CA TYR A 316 -5.33 -8.68 6.60
C TYR A 316 -5.41 -8.92 5.09
N LYS A 317 -5.45 -7.83 4.32
CA LYS A 317 -5.58 -7.90 2.86
C LYS A 317 -4.25 -7.80 2.13
N SER A 318 -3.15 -7.89 2.88
CA SER A 318 -1.83 -7.98 2.25
C SER A 318 -1.09 -9.17 2.84
N VAL A 319 -0.49 -8.97 4.01
CA VAL A 319 0.14 -10.06 4.74
C VAL A 319 -0.84 -11.21 4.97
N GLY A 320 -2.12 -10.91 5.16
CA GLY A 320 -3.11 -11.97 5.32
C GLY A 320 -3.61 -12.57 4.02
N ARG A 321 -3.10 -12.09 2.88
CA ARG A 321 -3.48 -12.66 1.60
C ARG A 321 -2.25 -13.01 0.75
N ASN A 322 -1.28 -13.69 1.35
CA ASN A 322 -0.09 -14.15 0.63
C ASN A 322 0.64 -13.00 -0.06
N SER A 323 0.84 -11.89 0.67
CA SER A 323 1.59 -10.78 0.11
C SER A 323 2.47 -10.12 1.17
N THR A 324 3.14 -9.05 0.78
CA THR A 324 3.90 -8.25 1.73
C THR A 324 3.19 -6.90 1.77
N LEU A 325 3.38 -6.15 2.85
CA LEU A 325 2.82 -4.78 2.89
C LEU A 325 3.95 -3.75 2.74
N LEU A 326 3.89 -2.95 1.67
CA LEU A 326 4.80 -1.83 1.47
C LEU A 326 4.03 -0.56 1.82
N LEU A 327 4.30 -0.01 3.01
CA LEU A 327 3.50 1.11 3.54
C LEU A 327 4.34 2.37 3.44
N ASN A 328 3.84 3.38 2.75
CA ASN A 328 4.58 4.62 2.54
C ASN A 328 4.41 5.62 3.67
N PHE A 329 5.55 6.18 4.12
CA PHE A 329 5.59 7.29 5.07
C PHE A 329 6.32 8.41 4.34
N PRO A 330 5.62 9.49 4.02
CA PRO A 330 6.32 10.57 3.30
C PRO A 330 7.10 11.48 4.27
N ILE A 331 8.12 12.16 3.75
CA ILE A 331 8.85 13.16 4.52
C ILE A 331 8.26 14.56 4.36
N ALA A 332 8.15 15.31 5.45
CA ALA A 332 7.55 16.64 5.38
C ALA A 332 8.62 17.59 4.87
N PRO A 333 8.24 18.82 4.51
CA PRO A 333 9.29 19.78 4.11
C PRO A 333 10.42 19.98 5.14
N ASN A 334 10.17 19.81 6.44
CA ASN A 334 11.24 20.02 7.42
C ASN A 334 12.25 18.89 7.47
N GLY A 335 12.03 17.87 6.65
CA GLY A 335 12.94 16.74 6.58
C GLY A 335 12.60 15.63 7.56
N ARG A 336 11.38 15.64 8.12
CA ARG A 336 11.01 14.60 9.09
C ARG A 336 9.67 13.96 8.77
N ILE A 337 9.49 12.71 9.17
CA ILE A 337 8.18 12.07 9.12
C ILE A 337 7.29 12.73 10.18
N HIS A 338 6.04 13.03 9.82
CA HIS A 338 5.10 13.69 10.72
C HIS A 338 4.80 12.83 11.96
N PRO A 339 4.55 13.48 13.12
CA PRO A 339 4.33 12.71 14.35
C PRO A 339 3.04 11.91 14.33
N ASN A 340 2.02 12.40 13.63
CA ASN A 340 0.79 11.62 13.47
C ASN A 340 1.10 10.24 12.87
N ASP A 341 1.90 10.22 11.81
CA ASP A 341 2.22 8.98 11.12
C ASP A 341 2.96 8.06 12.07
N SER A 342 3.88 8.65 12.84
CA SER A 342 4.73 7.91 13.76
C SER A 342 3.91 7.24 14.85
N LEU A 343 2.96 8.01 15.39
CA LEU A 343 2.14 7.50 16.48
C LEU A 343 1.21 6.41 15.98
N ARG A 344 0.67 6.59 14.78
CA ARG A 344 -0.20 5.59 14.18
C ARG A 344 0.57 4.29 13.89
N GLY A 345 1.78 4.41 13.37
CA GLY A 345 2.60 3.24 13.06
C GLY A 345 2.81 2.39 14.32
N ILE A 346 3.16 3.04 15.42
CA ILE A 346 3.32 2.36 16.69
C ILE A 346 2.04 1.63 17.17
N ALA A 347 0.88 2.29 17.04
CA ALA A 347 -0.41 1.69 17.41
C ALA A 347 -0.70 0.48 16.55
N PHE A 348 -0.36 0.59 15.27
CA PHE A 348 -0.49 -0.47 14.30
C PHE A 348 0.36 -1.69 14.69
N LYS A 349 1.66 -1.49 14.89
CA LYS A 349 2.56 -2.59 15.30
C LYS A 349 2.09 -3.20 16.60
N LYS A 350 1.64 -2.36 17.51
CA LYS A 350 1.15 -2.84 18.81
C LYS A 350 -0.06 -3.78 18.64
N MET A 351 -1.03 -3.35 17.82
CA MET A 351 -2.26 -4.14 17.64
C MET A 351 -1.98 -5.47 16.95
N ILE A 352 -1.09 -5.47 15.96
CA ILE A 352 -0.72 -6.70 15.30
C ILE A 352 -0.12 -7.71 16.32
N GLY A 353 0.73 -7.22 17.23
CA GLY A 353 1.27 -8.05 18.30
C GLY A 353 0.19 -8.59 19.22
N GLU A 354 -0.83 -7.79 19.51
CA GLU A 354 -1.93 -8.18 20.39
C GLU A 354 -2.84 -9.24 19.78
N VAL A 355 -3.19 -9.07 18.50
CA VAL A 355 -4.04 -10.03 17.79
C VAL A 355 -3.38 -11.41 17.81
N PHE A 356 -2.08 -11.48 17.54
CA PHE A 356 -1.43 -12.77 17.34
C PHE A 356 -0.56 -13.23 18.51
N ARG A 357 -0.78 -12.64 19.67
CA ARG A 357 0.02 -12.97 20.85
C ARG A 357 -0.18 -14.41 21.32
N LYS A 358 -1.40 -14.93 21.17
CA LYS A 358 -1.69 -16.25 21.70
C LYS A 358 -2.36 -17.16 20.68
N ASN A 359 -1.57 -18.08 20.12
CA ASN A 359 -2.08 -19.08 19.19
C ASN A 359 -2.85 -20.14 19.99
N LEU A 360 -4.18 -20.07 19.94
CA LEU A 360 -5.02 -20.93 20.75
C LEU A 360 -4.92 -22.38 20.30
N ALA A 361 -4.44 -22.57 19.08
CA ALA A 361 -4.21 -23.92 18.57
C ALA A 361 -3.02 -24.61 19.25
N GLU A 362 -2.16 -23.83 19.89
CA GLU A 362 -0.96 -24.41 20.51
C GLU A 362 -1.27 -25.42 21.61
N LYS A 363 -2.23 -25.10 22.49
CA LYS A 363 -2.59 -26.01 23.58
C LYS A 363 -3.59 -27.10 23.16
N ALA A 364 -4.02 -27.07 21.91
CA ALA A 364 -5.11 -27.93 21.47
C ALA A 364 -4.59 -29.27 20.97
N ARG A 365 -5.48 -30.26 20.85
CA ARG A 365 -5.09 -31.49 20.17
C ARG A 365 -5.40 -31.36 18.68
N THR A 366 -4.37 -31.46 17.86
CA THR A 366 -4.56 -31.34 16.42
C THR A 366 -4.27 -32.66 15.74
N GLN A 367 -5.21 -33.13 14.91
CA GLN A 367 -4.93 -34.31 14.10
C GLN A 367 -5.56 -34.28 12.71
N THR A 368 -4.91 -34.97 11.79
CA THR A 368 -5.31 -34.95 10.39
C THR A 368 -5.75 -36.34 9.94
N LYS A 369 -6.95 -36.40 9.39
CA LYS A 369 -7.46 -37.61 8.79
C LYS A 369 -7.93 -37.27 7.37
N GLY A 370 -7.27 -37.83 6.36
CA GLY A 370 -7.60 -37.50 4.98
C GLY A 370 -7.21 -36.08 4.66
N ASP A 371 -8.17 -35.31 4.14
CA ASP A 371 -7.92 -33.90 3.83
C ASP A 371 -8.45 -32.96 4.92
N GLU A 372 -8.82 -33.55 6.06
CA GLU A 372 -9.43 -32.81 7.18
C GLU A 372 -8.49 -32.73 8.37
N THR A 373 -8.24 -31.50 8.84
CA THR A 373 -7.45 -31.28 10.06
C THR A 373 -8.35 -30.73 11.14
N VAL A 374 -8.40 -31.42 12.27
CA VAL A 374 -9.24 -31.00 13.38
C VAL A 374 -8.37 -30.45 14.50
N ILE A 375 -8.64 -29.21 14.90
CA ILE A 375 -7.98 -28.62 16.05
C ILE A 375 -8.99 -28.70 17.18
N ASP A 376 -8.69 -29.56 18.16
CA ASP A 376 -9.61 -29.84 19.26
C ASP A 376 -9.11 -29.08 20.47
N PHE A 377 -9.85 -28.05 20.87
CA PHE A 377 -9.44 -27.21 21.99
C PHE A 377 -9.73 -27.87 23.32
N GLY A 378 -10.63 -28.86 23.31
CA GLY A 378 -10.93 -29.59 24.53
C GLY A 378 -11.96 -28.89 25.39
N LYS A 379 -12.42 -27.72 24.96
CA LYS A 379 -13.36 -26.91 25.74
C LYS A 379 -13.82 -25.73 24.88
N PRO A 380 -14.97 -25.12 25.23
CA PRO A 380 -15.46 -23.98 24.44
C PRO A 380 -14.42 -22.86 24.42
N THR A 381 -14.10 -22.41 23.21
CA THR A 381 -13.00 -21.48 23.02
C THR A 381 -13.43 -20.32 22.13
N THR A 382 -13.05 -19.11 22.53
CA THR A 382 -13.48 -17.89 21.85
C THR A 382 -12.39 -17.42 20.89
N PHE A 383 -12.74 -17.27 19.61
CA PHE A 383 -11.75 -16.81 18.64
C PHE A 383 -12.41 -16.19 17.42
N ASN A 384 -11.60 -15.50 16.61
CA ASN A 384 -12.16 -14.82 15.45
C ASN A 384 -11.15 -14.64 14.33
N ARG A 385 -10.03 -15.36 14.44
CA ARG A 385 -9.01 -15.37 13.40
C ARG A 385 -8.55 -16.78 13.18
N PHE A 386 -8.39 -17.13 11.91
CA PHE A 386 -7.72 -18.35 11.53
C PHE A 386 -6.52 -18.01 10.63
N LEU A 387 -5.43 -18.73 10.81
CA LEU A 387 -4.21 -18.53 10.01
C LEU A 387 -3.67 -19.85 9.52
N ALA A 388 -3.36 -19.92 8.22
CA ALA A 388 -2.61 -21.06 7.67
C ALA A 388 -1.40 -20.58 6.87
N GLU A 389 -0.35 -21.39 6.86
CA GLU A 389 0.80 -21.13 6.00
C GLU A 389 1.17 -22.39 5.21
N GLU A 390 1.46 -22.24 3.93
CA GLU A 390 2.04 -23.31 3.17
C GLU A 390 3.55 -23.14 3.26
N ASP A 391 4.28 -24.24 3.16
CA ASP A 391 5.72 -24.16 3.06
C ASP A 391 6.03 -23.89 1.59
N ILE A 392 6.14 -22.61 1.24
CA ILE A 392 6.21 -22.20 -0.15
C ILE A 392 7.58 -22.44 -0.77
N ARG A 393 8.53 -22.87 0.06
CA ARG A 393 9.81 -23.38 -0.45
C ARG A 393 9.52 -24.44 -1.51
N TYR A 394 8.46 -25.21 -1.29
CA TYR A 394 8.07 -26.27 -2.22
C TYR A 394 6.91 -25.90 -3.12
N GLY A 395 6.69 -24.59 -3.31
CA GLY A 395 5.69 -24.10 -4.24
C GLY A 395 4.38 -23.77 -3.56
N GLN A 396 3.42 -23.30 -4.36
CA GLN A 396 2.09 -22.95 -3.86
C GLN A 396 1.08 -23.97 -4.37
N ARG A 397 0.35 -24.61 -3.46
CA ARG A 397 -0.41 -25.81 -3.82
C ARG A 397 -1.93 -25.73 -3.59
N VAL A 398 -2.36 -25.24 -2.43
CA VAL A 398 -3.80 -25.25 -2.11
C VAL A 398 -4.61 -24.34 -3.05
N LYS A 399 -5.70 -24.87 -3.62
CA LYS A 399 -6.58 -24.10 -4.50
C LYS A 399 -7.88 -23.73 -3.79
N LYS A 400 -8.29 -24.55 -2.82
CA LYS A 400 -9.56 -24.32 -2.14
C LYS A 400 -9.56 -25.02 -0.80
N PHE A 401 -10.04 -24.33 0.23
CA PHE A 401 -10.17 -24.96 1.53
C PHE A 401 -11.51 -24.59 2.19
N LEU A 402 -11.78 -25.21 3.33
CA LEU A 402 -12.98 -24.90 4.11
C LEU A 402 -12.59 -24.73 5.56
N LEU A 403 -13.40 -23.94 6.27
CA LEU A 403 -13.24 -23.75 7.70
C LEU A 403 -14.57 -24.02 8.36
N GLU A 404 -14.55 -24.82 9.42
CA GLU A 404 -15.74 -25.04 10.22
C GLU A 404 -15.40 -24.91 11.69
N ALA A 405 -16.36 -24.47 12.48
CA ALA A 405 -16.23 -24.44 13.92
C ALA A 405 -17.34 -25.29 14.53
N GLU A 406 -17.01 -26.07 15.54
CA GLU A 406 -18.03 -26.86 16.25
C GLU A 406 -18.64 -25.99 17.33
N ILE A 407 -19.88 -25.56 17.10
CA ILE A 407 -20.54 -24.63 18.01
C ILE A 407 -21.80 -25.28 18.59
N ASN A 408 -21.80 -25.46 19.92
CA ASN A 408 -22.85 -26.21 20.62
C ASN A 408 -23.12 -27.56 20.00
N GLY A 409 -22.05 -28.29 19.67
CA GLY A 409 -22.17 -29.65 19.17
C GLY A 409 -22.46 -29.77 17.68
N GLN A 410 -22.59 -28.63 17.00
CA GLN A 410 -22.87 -28.63 15.56
C GLN A 410 -21.77 -27.92 14.78
N TRP A 411 -21.33 -28.55 13.68
CA TRP A 411 -20.37 -27.90 12.79
C TRP A 411 -21.05 -26.75 12.05
N GLN A 412 -20.41 -25.58 12.06
CA GLN A 412 -20.86 -24.45 11.23
C GLN A 412 -19.73 -23.99 10.31
N GLN A 413 -20.03 -23.83 9.02
CA GLN A 413 -19.07 -23.30 8.08
C GLN A 413 -18.71 -21.85 8.42
N LEU A 414 -17.42 -21.53 8.42
CA LEU A 414 -16.97 -20.14 8.57
C LEU A 414 -16.59 -19.61 7.18
N LYS A 415 -16.48 -18.30 7.06
CA LYS A 415 -16.05 -17.70 5.80
C LYS A 415 -15.28 -16.43 6.08
N ASP A 416 -14.67 -15.88 5.04
CA ASP A 416 -13.91 -14.65 5.18
C ASP A 416 -14.86 -13.44 5.19
N ALA A 417 -15.00 -12.81 6.35
CA ALA A 417 -15.93 -11.69 6.46
C ALA A 417 -15.48 -10.46 5.68
N LEU A 418 -14.24 -10.48 5.18
CA LEU A 418 -13.71 -9.37 4.40
C LEU A 418 -13.93 -9.58 2.91
N VAL A 419 -14.52 -10.71 2.54
CA VAL A 419 -14.78 -11.01 1.12
C VAL A 419 -16.27 -10.99 0.87
N GLU A 420 -16.69 -10.22 -0.13
CA GLU A 420 -18.11 -9.98 -0.37
C GLU A 420 -18.82 -11.09 -1.12
N ASN A 421 -18.15 -11.68 -2.11
CA ASN A 421 -18.75 -12.77 -2.88
C ASN A 421 -17.95 -14.07 -2.76
N GLY A 422 -18.59 -15.13 -2.27
CA GLY A 422 -17.89 -16.37 -2.03
C GLY A 422 -17.38 -16.42 -0.61
N ASP A 423 -16.84 -17.56 -0.18
CA ASP A 423 -16.36 -17.71 1.20
C ASP A 423 -14.96 -17.17 1.40
N GLY A 424 -14.26 -16.93 0.28
CA GLY A 424 -12.92 -16.35 0.31
C GLY A 424 -11.84 -17.35 0.65
N LEU A 425 -12.21 -18.63 0.66
CA LEU A 425 -11.30 -19.67 1.12
C LEU A 425 -10.72 -20.43 -0.06
N THR A 426 -9.74 -19.83 -0.73
CA THR A 426 -9.15 -20.40 -1.93
C THR A 426 -7.65 -20.72 -1.74
N THR A 427 -6.78 -19.82 -2.18
CA THR A 427 -5.35 -20.02 -2.01
C THR A 427 -4.92 -19.82 -0.56
N ILE A 428 -3.74 -20.31 -0.23
CA ILE A 428 -3.15 -20.01 1.05
C ILE A 428 -1.80 -19.34 0.83
N GLY A 429 -0.83 -20.10 0.32
CA GLY A 429 0.47 -19.52 0.04
C GLY A 429 1.22 -19.17 1.30
N HIS A 430 1.98 -18.07 1.25
CA HIS A 430 2.87 -17.74 2.37
C HIS A 430 2.13 -17.65 3.69
N ARG A 431 1.00 -16.96 3.67
CA ARG A 431 0.13 -16.84 4.83
C ARG A 431 -1.25 -16.35 4.41
N ARG A 432 -2.27 -16.99 4.95
CA ARG A 432 -3.66 -16.59 4.72
C ARG A 432 -4.28 -16.41 6.08
N ILE A 433 -4.84 -15.23 6.34
CA ILE A 433 -5.52 -14.97 7.61
C ILE A 433 -6.98 -14.71 7.32
N ILE A 434 -7.85 -15.44 8.03
CA ILE A 434 -9.29 -15.32 7.82
C ILE A 434 -9.96 -14.68 9.03
N CYS A 435 -10.68 -13.59 8.81
CA CYS A 435 -11.43 -12.95 9.88
C CYS A 435 -12.89 -13.41 9.82
N PHE A 436 -13.53 -13.56 10.98
CA PHE A 436 -14.94 -13.89 11.01
C PHE A 436 -15.57 -13.45 12.33
N PRO A 437 -16.90 -13.33 12.37
CA PRO A 437 -17.47 -12.92 13.65
C PRO A 437 -17.09 -13.92 14.74
N THR A 438 -16.75 -13.38 15.90
CA THR A 438 -16.26 -14.17 17.01
C THR A 438 -17.20 -15.34 17.33
N VAL A 439 -16.64 -16.53 17.48
CA VAL A 439 -17.43 -17.69 17.86
C VAL A 439 -16.90 -18.25 19.17
N ASN A 440 -17.75 -19.00 19.87
CA ASN A 440 -17.35 -19.75 21.06
C ASN A 440 -17.46 -21.22 20.71
N ALA A 441 -16.31 -21.86 20.45
CA ALA A 441 -16.35 -23.16 19.81
C ALA A 441 -15.39 -24.16 20.45
N THR A 442 -15.77 -25.43 20.44
CA THR A 442 -14.92 -26.47 21.05
C THR A 442 -13.91 -27.04 20.06
N LYS A 443 -14.17 -26.87 18.77
CA LYS A 443 -13.26 -27.41 17.74
C LYS A 443 -13.31 -26.55 16.49
N LEU A 444 -12.24 -26.59 15.71
CA LEU A 444 -12.20 -25.94 14.40
C LEU A 444 -11.68 -26.96 13.42
N ARG A 445 -12.31 -27.09 12.26
CA ARG A 445 -11.82 -28.04 11.27
C ARG A 445 -11.35 -27.30 10.04
N PHE A 446 -10.19 -27.71 9.54
CA PHE A 446 -9.58 -27.13 8.35
C PHE A 446 -9.49 -28.21 7.29
N THR A 447 -10.09 -27.95 6.13
CA THR A 447 -10.17 -28.98 5.10
C THR A 447 -9.48 -28.52 3.83
N VAL A 448 -8.51 -29.27 3.35
CA VAL A 448 -7.97 -28.98 2.01
C VAL A 448 -8.86 -29.67 0.95
N VAL A 449 -9.69 -28.87 0.30
CA VAL A 449 -10.66 -29.37 -0.69
C VAL A 449 -9.98 -29.71 -1.99
N ASN A 450 -9.22 -28.74 -2.51
CA ASN A 450 -8.56 -28.88 -3.79
C ASN A 450 -7.15 -28.34 -3.70
N THR A 451 -6.21 -29.04 -4.33
CA THR A 451 -4.78 -28.73 -4.22
C THR A 451 -4.07 -29.24 -5.48
N LYS A 452 -2.98 -28.59 -5.87
CA LYS A 452 -2.21 -29.04 -7.04
C LYS A 452 -1.46 -30.32 -6.74
N CYS A 453 -0.84 -30.37 -5.57
CA CYS A 453 -0.06 -31.52 -5.12
C CYS A 453 -0.33 -31.67 -3.63
N GLU A 454 0.25 -32.69 -3.03
CA GLU A 454 0.13 -32.91 -1.59
C GLU A 454 0.53 -31.66 -0.84
N PRO A 455 -0.39 -31.09 -0.05
CA PRO A 455 -0.12 -29.82 0.63
C PRO A 455 0.87 -29.97 1.79
N PHE A 456 1.76 -28.99 1.92
CA PHE A 456 2.64 -28.90 3.06
C PHE A 456 2.29 -27.69 3.88
N ILE A 457 1.41 -27.89 4.87
CA ILE A 457 0.99 -26.83 5.77
C ILE A 457 2.04 -26.68 6.85
N LYS A 458 2.73 -25.55 6.87
CA LYS A 458 3.85 -25.41 7.78
C LYS A 458 3.36 -24.85 9.12
N LYS A 459 2.17 -24.26 9.13
CA LYS A 459 1.63 -23.64 10.35
C LYS A 459 0.12 -23.42 10.27
N LEU A 460 -0.53 -23.62 11.42
CA LEU A 460 -1.95 -23.36 11.59
C LEU A 460 -2.10 -22.52 12.85
N GLY A 461 -3.01 -21.56 12.85
CA GLY A 461 -3.16 -20.72 14.03
C GLY A 461 -4.58 -20.26 14.25
N VAL A 462 -4.91 -20.04 15.52
CA VAL A 462 -6.25 -19.58 15.87
C VAL A 462 -6.06 -18.54 16.96
N TYR A 463 -6.79 -17.43 16.87
CA TYR A 463 -6.53 -16.25 17.71
C TYR A 463 -7.81 -15.46 18.01
N LEU A 464 -7.80 -14.71 19.10
CA LEU A 464 -8.87 -13.76 19.40
C LEU A 464 -8.34 -12.32 19.25
N ALA A 465 -8.67 -11.68 18.16
CA ALA A 465 -8.31 -10.28 17.99
C ALA A 465 -9.20 -9.50 18.91
N PRO A 466 -8.67 -8.47 19.58
CA PRO A 466 -9.53 -7.62 20.40
C PRO A 466 -10.36 -6.65 19.57
N GLU A 467 -11.44 -6.13 20.15
CA GLU A 467 -12.32 -5.15 19.50
C GLU A 467 -11.53 -3.91 19.11
N LEU A 468 -11.75 -3.41 17.89
CA LEU A 468 -11.13 -2.16 17.50
C LEU A 468 -12.11 -1.04 17.77
N THR A 469 -11.76 -0.14 18.69
CA THR A 469 -12.67 0.93 19.08
C THR A 469 -11.97 2.26 18.93
N ALA A 470 -12.76 3.34 18.89
CA ALA A 470 -12.23 4.68 18.76
C ALA A 470 -11.30 5.11 19.89
N ASP A 471 -11.50 4.56 21.08
CA ASP A 471 -10.74 5.05 22.23
C ASP A 471 -9.38 4.36 22.40
N ILE A 472 -9.05 3.45 21.49
CA ILE A 472 -7.69 2.93 21.48
C ILE A 472 -6.70 4.07 21.19
N PRO A 473 -5.68 4.24 22.06
CA PRO A 473 -4.78 5.38 21.89
C PRO A 473 -4.13 5.44 20.49
N ASP A 474 -4.16 6.62 19.89
CA ASP A 474 -3.53 6.87 18.59
C ASP A 474 -4.18 6.07 17.45
N ALA A 475 -5.42 5.62 17.64
CA ALA A 475 -6.07 4.84 16.58
C ALA A 475 -6.56 5.73 15.43
N GLY A 476 -6.87 6.99 15.74
CA GLY A 476 -7.33 7.92 14.72
C GLY A 476 -8.57 7.49 13.94
N GLU A 477 -9.51 6.82 14.59
CA GLU A 477 -10.69 6.33 13.88
C GLU A 477 -11.60 7.47 13.48
N LYS A 478 -12.13 7.41 12.27
CA LYS A 478 -13.10 8.38 11.79
C LYS A 478 -14.26 7.64 11.13
N LYS A 479 -15.37 8.32 10.95
CA LYS A 479 -16.54 7.75 10.29
C LYS A 479 -16.26 7.30 8.85
N SER A 480 -15.25 7.90 8.23
CA SER A 480 -14.92 7.60 6.83
C SER A 480 -13.74 6.64 6.67
N SER A 481 -13.21 6.15 7.79
CA SER A 481 -11.92 5.47 7.79
C SER A 481 -11.83 4.28 6.83
N ASN A 482 -12.93 3.53 6.71
CA ASN A 482 -12.94 2.40 5.79
C ASN A 482 -13.90 2.57 4.63
N LEU A 483 -14.20 3.83 4.29
CA LEU A 483 -14.89 4.12 3.05
C LEU A 483 -13.81 4.29 2.00
N HIS A 484 -14.11 3.92 0.76
CA HIS A 484 -13.17 4.16 -0.33
C HIS A 484 -13.28 5.62 -0.78
N LEU A 485 -12.58 6.49 -0.06
CA LEU A 485 -12.65 7.92 -0.29
C LEU A 485 -11.46 8.39 -1.09
N PHE A 486 -11.73 9.15 -2.14
CA PHE A 486 -10.68 9.79 -2.92
C PHE A 486 -11.23 11.07 -3.55
N PHE A 487 -10.32 11.90 -4.04
CA PHE A 487 -10.71 13.10 -4.77
C PHE A 487 -10.54 12.89 -6.27
N SER A 488 -11.12 13.79 -7.06
CA SER A 488 -10.74 13.93 -8.45
C SER A 488 -9.77 15.11 -8.48
N SER A 489 -10.19 16.20 -7.83
CA SER A 489 -9.36 17.41 -7.71
C SER A 489 -9.93 18.30 -6.56
N PRO A 490 -9.33 19.48 -6.26
CA PRO A 490 -9.81 20.22 -5.08
C PRO A 490 -11.10 21.04 -5.20
N THR A 491 -12.05 20.59 -6.01
CA THR A 491 -13.43 21.03 -5.80
C THR A 491 -14.19 19.82 -5.31
N GLN A 492 -13.70 18.62 -5.64
CA GLN A 492 -14.54 17.43 -5.59
C GLN A 492 -13.97 16.16 -4.94
N MET A 493 -14.78 15.56 -4.07
CA MET A 493 -14.48 14.29 -3.41
C MET A 493 -15.41 13.22 -3.95
N MET A 494 -14.96 11.96 -3.98
CA MET A 494 -15.84 10.84 -4.37
C MET A 494 -15.76 9.64 -3.42
N ILE A 495 -16.90 8.98 -3.22
CA ILE A 495 -16.99 7.72 -2.47
C ILE A 495 -17.59 6.63 -3.34
N ASP A 496 -17.07 5.41 -3.22
CA ASP A 496 -17.67 4.27 -3.89
C ASP A 496 -17.60 2.96 -3.11
N TRP A 497 -18.50 2.05 -3.45
CA TRP A 497 -18.58 0.75 -2.80
C TRP A 497 -18.28 -0.37 -3.82
N GLU A 498 -18.46 -1.63 -3.43
CA GLU A 498 -18.26 -2.75 -4.36
C GLU A 498 -19.63 -3.16 -4.89
N THR A 499 -20.57 -3.25 -3.95
CA THR A 499 -21.95 -3.57 -4.26
C THR A 499 -22.72 -2.25 -4.37
N GLU A 500 -23.96 -2.30 -4.84
CA GLU A 500 -24.74 -1.06 -4.99
C GLU A 500 -25.52 -0.71 -3.71
N GLN A 501 -25.63 0.58 -3.41
CA GLN A 501 -26.10 1.00 -2.09
C GLN A 501 -27.30 1.97 -2.08
N THR A 502 -28.15 1.78 -1.07
CA THR A 502 -29.29 2.65 -0.85
C THR A 502 -28.94 3.70 0.21
N ILE A 503 -28.56 4.88 -0.25
CA ILE A 503 -28.08 5.95 0.62
C ILE A 503 -29.19 6.90 1.05
N THR A 504 -29.38 7.02 2.38
CA THR A 504 -30.43 7.86 2.94
C THR A 504 -29.96 9.24 3.43
N SER A 505 -28.67 9.36 3.74
CA SER A 505 -28.12 10.67 4.12
C SER A 505 -26.58 10.75 3.95
N PHE A 506 -26.04 11.95 4.13
CA PHE A 506 -24.61 12.19 4.02
C PHE A 506 -24.21 13.29 5.01
N ARG A 507 -23.10 13.11 5.69
CA ARG A 507 -22.67 14.12 6.66
C ARG A 507 -21.23 14.55 6.42
N TYR A 508 -20.99 15.83 6.63
CA TYR A 508 -19.68 16.45 6.45
C TYR A 508 -19.21 17.05 7.77
N LEU A 509 -17.97 16.76 8.14
CA LEU A 509 -17.37 17.40 9.31
C LEU A 509 -16.20 18.24 8.86
N PRO A 510 -16.20 19.53 9.25
CA PRO A 510 -15.11 20.42 8.84
C PRO A 510 -13.82 20.03 9.55
N PRO A 511 -12.67 20.36 8.97
CA PRO A 511 -11.37 20.05 9.59
C PRO A 511 -11.29 20.65 11.00
N GLN A 512 -10.65 19.94 11.94
CA GLN A 512 -10.55 20.40 13.32
C GLN A 512 -9.10 20.69 13.74
N GLU A 513 -8.16 20.54 12.81
CA GLU A 513 -6.74 20.77 13.08
C GLU A 513 -6.41 22.21 12.79
N SER A 514 -7.09 22.71 11.77
CA SER A 514 -6.86 24.01 11.19
C SER A 514 -8.06 24.15 10.28
N LYS A 515 -8.24 25.33 9.70
CA LYS A 515 -9.47 25.61 8.97
C LYS A 515 -9.21 25.87 7.50
N ASP A 516 -7.97 25.64 7.09
CA ASP A 516 -7.44 26.02 5.77
C ASP A 516 -8.36 25.73 4.57
N GLY A 517 -8.85 24.50 4.45
CA GLY A 517 -9.64 24.15 3.28
C GLY A 517 -11.11 23.89 3.56
N THR A 518 -11.64 24.56 4.58
CA THR A 518 -13.03 24.37 4.99
C THR A 518 -14.02 24.64 3.85
N VAL A 519 -14.95 23.72 3.65
CA VAL A 519 -15.92 23.82 2.57
C VAL A 519 -17.13 24.67 2.97
N THR A 520 -17.44 25.70 2.18
CA THR A 520 -18.55 26.61 2.50
C THR A 520 -19.87 26.35 1.75
N HIS A 521 -19.81 26.01 0.46
CA HIS A 521 -21.06 25.84 -0.29
C HIS A 521 -21.59 24.44 -0.57
N TYR A 522 -20.76 23.59 -1.18
CA TYR A 522 -21.14 22.20 -1.47
C TYR A 522 -22.28 21.95 -2.48
N THR A 523 -22.09 20.93 -3.31
CA THR A 523 -23.17 20.28 -4.05
C THR A 523 -22.78 18.81 -4.14
N LEU A 524 -23.77 17.90 -4.16
CA LEU A 524 -23.50 16.47 -3.98
C LEU A 524 -24.22 15.60 -5.00
N TRP A 525 -23.46 14.79 -5.74
CA TRP A 525 -24.02 13.90 -6.75
C TRP A 525 -23.98 12.44 -6.32
N ALA A 526 -24.91 11.64 -6.85
CA ALA A 526 -24.83 10.18 -6.74
C ALA A 526 -24.70 9.56 -8.13
N SER A 527 -24.34 8.28 -8.17
CA SER A 527 -24.10 7.62 -9.45
C SER A 527 -24.10 6.11 -9.34
N THR A 528 -24.49 5.46 -10.43
CA THR A 528 -24.46 4.02 -10.53
C THR A 528 -23.44 3.58 -11.59
N ASP A 529 -23.03 4.52 -12.46
CA ASP A 529 -22.21 4.15 -13.62
C ASP A 529 -20.90 4.92 -13.80
N TRP A 530 -20.50 5.72 -12.80
CA TRP A 530 -19.28 6.54 -12.84
C TRP A 530 -19.36 7.77 -13.74
N SER A 531 -20.48 7.91 -14.47
CA SER A 531 -20.68 9.04 -15.37
C SER A 531 -21.18 10.26 -14.60
N ASN A 532 -20.86 10.30 -13.30
CA ASN A 532 -21.24 11.42 -12.42
C ASN A 532 -22.76 11.55 -12.15
N TRP A 533 -23.56 11.73 -13.20
CA TRP A 533 -25.03 11.52 -13.17
C TRP A 533 -25.95 12.56 -12.51
N THR A 534 -26.44 12.19 -11.33
CA THR A 534 -27.64 12.80 -10.73
C THR A 534 -27.33 13.70 -9.53
N LYS A 535 -28.11 14.76 -9.34
CA LYS A 535 -27.83 15.75 -8.29
C LYS A 535 -28.73 15.64 -7.06
N LEU A 536 -28.11 15.50 -5.89
CA LEU A 536 -28.83 15.36 -4.63
C LEU A 536 -29.02 16.67 -3.91
N ALA A 537 -28.12 17.63 -4.16
CA ALA A 537 -27.81 18.66 -3.16
C ALA A 537 -28.13 20.12 -3.46
N SER A 538 -27.08 20.89 -3.75
CA SER A 538 -27.11 22.36 -3.70
C SER A 538 -27.43 22.84 -2.29
N GLY A 539 -26.50 23.58 -1.68
CA GLY A 539 -26.67 24.02 -0.30
C GLY A 539 -25.91 25.25 0.15
N GLU A 540 -25.17 25.09 1.26
CA GLU A 540 -24.30 26.07 1.90
C GLU A 540 -24.11 25.62 3.34
N PHE A 541 -22.85 25.45 3.76
CA PHE A 541 -22.56 25.10 5.15
C PHE A 541 -22.57 26.36 6.01
N SER A 542 -23.47 26.42 6.98
CA SER A 542 -23.75 27.65 7.71
C SER A 542 -22.91 27.85 8.97
N ASN A 543 -22.21 28.98 9.05
CA ASN A 543 -21.35 29.30 10.19
C ASN A 543 -20.33 28.19 10.46
N VAL A 544 -19.88 27.55 9.38
CA VAL A 544 -19.10 26.34 9.51
C VAL A 544 -17.71 26.60 10.10
N VAL A 545 -17.24 27.85 10.00
CA VAL A 545 -15.91 28.23 10.49
C VAL A 545 -15.91 28.44 12.01
N ASN A 546 -16.75 29.38 12.47
CA ASN A 546 -16.87 29.64 13.91
C ASN A 546 -17.61 28.51 14.63
N ASN A 547 -18.21 27.61 13.86
CA ASN A 547 -18.86 26.43 14.44
C ASN A 547 -18.64 25.15 13.63
N PRO A 548 -17.45 24.54 13.76
CA PRO A 548 -17.11 23.34 12.98
C PRO A 548 -17.76 22.06 13.50
N ILE A 549 -19.09 22.00 13.47
CA ILE A 549 -19.83 20.80 13.87
C ILE A 549 -20.22 20.00 12.64
N TRP A 550 -20.69 18.77 12.85
CA TRP A 550 -21.21 17.95 11.74
C TRP A 550 -22.32 18.66 10.99
N GLN A 551 -22.24 18.63 9.67
CA GLN A 551 -23.28 19.18 8.80
C GLN A 551 -23.98 18.02 8.12
N THR A 552 -25.31 18.03 8.10
CA THR A 552 -26.07 16.93 7.52
C THR A 552 -26.74 17.38 6.24
N ILE A 553 -26.68 16.55 5.20
CA ILE A 553 -27.34 16.88 3.95
C ILE A 553 -28.57 15.99 3.75
N LYS A 554 -29.72 16.64 3.57
CA LYS A 554 -31.01 15.96 3.45
C LYS A 554 -31.28 15.62 1.99
N PHE A 555 -31.67 14.38 1.72
CA PHE A 555 -32.09 13.97 0.37
C PHE A 555 -32.88 12.67 0.38
N GLN A 556 -33.69 12.47 -0.66
CA GLN A 556 -34.47 11.24 -0.80
C GLN A 556 -33.55 10.05 -1.06
N PRO A 557 -33.87 8.89 -0.46
CA PRO A 557 -33.03 7.71 -0.67
C PRO A 557 -32.72 7.50 -2.15
N VAL A 558 -31.44 7.43 -2.47
CA VAL A 558 -31.02 7.08 -3.82
C VAL A 558 -30.32 5.74 -3.76
N ARG A 559 -30.58 4.88 -4.75
CA ARG A 559 -29.70 3.74 -4.93
C ARG A 559 -28.48 4.27 -5.66
N ALA A 560 -27.31 3.96 -5.15
CA ALA A 560 -26.11 4.46 -5.78
C ALA A 560 -24.90 3.60 -5.48
N LYS A 561 -23.86 3.86 -6.23
CA LYS A 561 -22.64 3.08 -6.22
C LYS A 561 -21.52 4.04 -5.85
N ILE A 562 -21.70 5.29 -6.29
CA ILE A 562 -20.72 6.35 -6.09
C ILE A 562 -21.39 7.64 -5.61
N LEU A 563 -20.76 8.32 -4.65
CA LEU A 563 -21.16 9.68 -4.30
C LEU A 563 -20.16 10.69 -4.84
N LYS A 564 -20.58 11.95 -4.92
CA LYS A 564 -19.75 12.99 -5.51
C LYS A 564 -19.94 14.32 -4.79
N LEU A 565 -18.95 14.72 -3.99
CA LEU A 565 -19.05 15.96 -3.23
C LEU A 565 -18.23 17.10 -3.84
N ASP A 566 -18.91 18.19 -4.20
CA ASP A 566 -18.28 19.36 -4.78
C ASP A 566 -18.06 20.47 -3.76
N ALA A 567 -16.84 21.01 -3.72
CA ALA A 567 -16.56 22.21 -2.95
C ALA A 567 -16.80 23.44 -3.82
N ASP A 568 -17.83 24.22 -3.49
CA ASP A 568 -18.19 25.37 -4.32
C ASP A 568 -17.71 26.72 -3.73
N ARG A 569 -16.50 26.69 -3.17
CA ARG A 569 -15.68 27.81 -2.63
C ARG A 569 -15.18 27.53 -1.18
N LEU A 570 -13.90 27.80 -0.97
CA LEU A 570 -13.08 27.12 0.04
C LEU A 570 -12.50 27.93 1.20
N ALA A 571 -13.10 29.05 1.53
CA ALA A 571 -12.79 29.78 2.77
C ALA A 571 -11.36 30.31 2.99
N THR A 572 -10.32 29.49 2.78
CA THR A 572 -8.92 29.97 2.99
C THR A 572 -7.80 29.37 2.13
N GLY A 573 -8.12 28.47 1.19
CA GLY A 573 -7.06 27.84 0.43
C GLY A 573 -7.40 27.29 -0.95
N ASN A 574 -6.54 26.38 -1.43
CA ASN A 574 -6.70 25.81 -2.77
C ASN A 574 -7.04 24.31 -2.79
N ARG A 575 -6.95 23.65 -1.64
CA ARG A 575 -7.40 22.26 -1.54
C ARG A 575 -8.45 22.11 -0.44
N MET A 576 -9.63 21.60 -0.79
CA MET A 576 -10.70 21.40 0.19
C MET A 576 -10.28 20.40 1.25
N ALA A 577 -10.58 20.75 2.49
CA ALA A 577 -10.23 19.93 3.64
C ALA A 577 -11.51 19.40 4.25
N TYR A 578 -11.37 18.43 5.15
CA TYR A 578 -12.52 17.92 5.90
C TYR A 578 -12.03 17.26 7.16
N GLY A 579 -12.87 17.26 8.19
CA GLY A 579 -12.55 16.56 9.42
C GLY A 579 -12.92 15.09 9.26
N ASP A 580 -14.12 14.85 8.73
CA ASP A 580 -14.63 13.50 8.56
C ASP A 580 -15.88 13.59 7.68
N VAL A 581 -16.31 12.44 7.14
CA VAL A 581 -17.60 12.36 6.46
C VAL A 581 -18.28 11.03 6.81
N GLU A 582 -19.61 11.03 6.85
CA GLU A 582 -20.37 9.82 7.12
C GLU A 582 -21.45 9.56 6.07
N VAL A 583 -21.56 8.31 5.62
CA VAL A 583 -22.58 7.92 4.66
C VAL A 583 -23.56 6.93 5.29
N ASN A 584 -24.81 7.34 5.43
CA ASN A 584 -25.83 6.50 6.06
C ASN A 584 -26.62 5.70 5.04
N LEU A 585 -27.01 4.48 5.43
CA LEU A 585 -27.63 3.55 4.50
C LEU A 585 -28.94 2.99 5.06
N LYS A 586 -29.74 2.35 4.20
CA LYS A 586 -31.03 1.80 4.61
C LYS A 586 -30.82 0.52 5.43
C1 GOL B . 4.17 6.96 -6.40
O1 GOL B . 5.55 6.74 -6.50
C2 GOL B . 3.41 5.69 -6.82
O2 GOL B . 3.46 5.52 -8.22
C3 GOL B . 3.98 4.46 -6.17
O3 GOL B . 3.10 3.40 -6.48
C1 GOL C . 3.47 0.97 -11.41
O1 GOL C . 3.00 0.62 -12.68
C2 GOL C . 2.46 1.93 -10.77
O2 GOL C . 1.25 1.24 -10.63
C3 GOL C . 2.91 2.24 -9.35
O3 GOL C . 2.15 1.40 -8.52
C1 GOL D . 27.26 1.17 2.97
O1 GOL D . 27.62 0.61 4.22
C2 GOL D . 27.85 2.56 2.86
O2 GOL D . 28.22 2.85 1.53
C3 GOL D . 26.79 3.55 3.31
O3 GOL D . 27.43 4.64 3.94
C1 GOL E . 27.86 -4.49 -2.86
O1 GOL E . 28.30 -3.66 -1.82
C2 GOL E . 27.16 -5.70 -2.25
O2 GOL E . 26.15 -5.21 -1.38
C3 GOL E . 26.50 -6.53 -3.36
O3 GOL E . 26.19 -7.82 -2.87
C1 GOL F . -10.12 -32.97 23.80
O1 GOL F . -10.56 -34.22 24.29
C2 GOL F . -8.70 -32.77 24.30
O2 GOL F . -8.01 -34.00 24.22
C3 GOL F . -7.98 -31.71 23.46
O3 GOL F . -6.81 -31.29 24.13
C1 GOL G . 0.32 -12.94 11.35
O1 GOL G . 0.89 -12.38 10.18
C2 GOL G . 1.41 -13.27 12.37
O2 GOL G . 2.52 -13.90 11.75
C3 GOL G . 1.89 -11.95 12.97
O3 GOL G . 2.86 -12.21 13.97
C1 GOL H . 4.28 16.50 -28.68
O1 GOL H . 5.00 17.10 -27.61
C2 GOL H . 5.21 15.90 -29.74
O2 GOL H . 6.32 15.23 -29.16
C3 GOL H . 5.74 17.01 -30.64
O3 GOL H . 6.79 17.71 -30.02
C1 GOL I . 16.73 25.58 7.13
O1 GOL I . 18.11 25.90 7.23
C2 GOL I . 15.99 26.60 6.28
O2 GOL I . 14.60 26.48 6.51
C3 GOL I . 16.44 28.02 6.64
O3 GOL I . 17.05 28.64 5.51
S SCN J . -9.29 15.12 13.34
C SCN J . -8.92 15.55 15.05
N SCN J . -8.67 15.85 16.16
S SCN K . -2.17 11.14 18.00
C SCN K . -3.82 11.02 17.28
N SCN K . -4.83 10.84 16.70
S SCN L . -16.20 6.79 15.14
C SCN L . -15.45 8.27 15.80
N SCN L . -14.90 9.22 16.24
S SCN M . 14.66 -26.93 -5.84
C SCN M . 14.07 -26.21 -4.31
N SCN M . 13.67 -25.72 -3.31
S SCN N . 24.25 -1.77 16.70
C SCN N . 24.53 -2.21 14.98
N SCN N . 24.68 -2.48 13.85
S SCN O . -8.70 -31.15 27.82
C SCN O . -7.06 -30.43 28.02
N SCN O . -5.98 -29.96 28.10
S SCN P . 1.85 -26.62 24.94
C SCN P . 1.04 -27.21 26.43
N SCN P . 0.49 -27.61 27.39
S SCN Q . 1.80 -29.57 22.61
C SCN Q . 0.29 -30.30 21.94
N SCN Q . -0.70 -30.74 21.48
S SCN R . -17.22 15.62 15.41
C SCN R . -17.10 16.72 16.84
N SCN R . -17.03 17.43 17.75
S SCN S . -15.88 3.62 8.07
C SCN S . -15.62 2.76 9.63
N SCN S . -15.32 2.20 10.62
S SCN T . 20.02 -7.06 7.82
C SCN T . 18.87 -7.69 9.04
N SCN T . 18.09 -8.08 9.84
S SCN U . 22.16 -4.34 8.49
C SCN U . 23.03 -4.35 10.08
N SCN U . 23.55 -4.28 11.13
S SCN V . 10.95 -15.26 -11.09
C SCN V . 11.00 -14.14 -12.50
N SCN V . 10.96 -13.39 -13.41
S SCN W . 11.60 -18.43 -13.28
C SCN W . 10.94 -19.47 -11.96
N SCN W . 10.46 -20.07 -11.07
S SCN X . -1.37 12.96 -10.00
C SCN X . -1.95 13.71 -11.54
N SCN X . -2.30 14.18 -12.56
S SCN Y . 3.72 -9.12 10.37
C SCN Y . 4.37 -8.38 11.87
N SCN Y . 4.81 -7.82 12.82
S SCN Z . 25.48 25.06 -4.34
C SCN Z . 24.24 25.90 -3.37
N SCN Z . 23.41 26.41 -2.71
S SCN AA . -12.36 -7.68 14.24
C SCN AA . -12.78 -7.89 15.96
N SCN AA . -13.05 -8.07 17.10
S SCN BA . -15.23 -9.80 11.12
C SCN BA . -14.49 -8.26 10.56
N SCN BA . -13.97 -7.27 10.19
NA NA CA . -13.83 0.70 14.44
NA NA DA . 13.37 -12.04 -14.43
#